data_6QNS
#
_entry.id   6QNS
#
_cell.length_a   50.344
_cell.length_b   78.491
_cell.length_c   149.103
_cell.angle_alpha   90.00
_cell.angle_beta   90.00
_cell.angle_gamma   90.00
#
_symmetry.space_group_name_H-M   'P 21 21 21'
#
loop_
_entity.id
_entity.type
_entity.pdbx_description
1 polymer 'Botulinum neurotoxin type B'
2 polymer Synaptotagmin-1
3 branched 'N-acetyl-alpha-neuraminic acid-(2-3)-beta-D-galactopyranose-(1-3)-2-acetamido-2-deoxy-beta-D-galactopyranose-(1-4)-[N-acetyl-alpha-neuraminic acid-(2-3)]beta-D-galactopyranose-(1-4)-beta-D-glucopyranose'
4 water water
#
loop_
_entity_poly.entity_id
_entity_poly.type
_entity_poly.pdbx_seq_one_letter_code
_entity_poly.pdbx_strand_id
1 'polypeptide(L)'
;GSHMASMNSEILNNIILNLRYKDNNLIDLSGYGAKVEVYDGVELNDKNQFKLTSSANSKIRVTQNQNIIFNSVFLDFSVS
FWIRIPKYKNDGIQNYIHNEYTIINCMKNNSGWKISIRGNRIIWTLIDINGKTKSVFFEYNIREDISEYINRWFFVTITN
NLNNAKIYINGKLESNTDIKDIREVIANGEIIFKLDGDIDRTQFIWMKYFSIFNTELSQSNIEERYKIQSYSEYLKDFWG
NPLMYNKEYYMFNAGNKNSYIKLKKDSPVGEILTRSKYNQNSKYINYRDLYIGEKFIIRRKSNSQSINDDIVRKEDYIYL
DFFNLNQEWRVYTYKYFKKEEEKLFLAPISDSDEFYNTIQIKEYDEQPTYSCQLLFKKDEESTDEIGLIGIHRFYESGWW
FEEYKDYFCISKWYLKEVKRKPYNLKLGCNWQFIPKDEGWTE
;
A
2 'polypeptide(L)' GEGKEDAFSKLKEKFMNELHK S
#
# COMPACT_ATOMS: atom_id res chain seq x y z
N ASN A 13 13.74 13.53 17.69
CA ASN A 13 14.03 14.64 18.68
C ASN A 13 12.84 15.61 18.73
N ASN A 14 12.65 16.28 19.87
CA ASN A 14 11.51 17.18 20.19
C ASN A 14 10.23 16.36 20.37
N ILE A 15 10.36 15.04 20.46
CA ILE A 15 9.20 14.12 20.52
C ILE A 15 8.67 14.11 21.95
N ILE A 16 7.35 14.22 22.13
CA ILE A 16 6.72 14.28 23.48
C ILE A 16 5.69 13.15 23.69
N LEU A 17 5.32 12.40 22.64
CA LEU A 17 4.50 11.18 22.75
C LEU A 17 4.83 10.29 21.56
N ASN A 18 5.08 9.00 21.78
CA ASN A 18 5.49 8.03 20.74
C ASN A 18 4.88 6.65 21.03
N LEU A 19 3.72 6.35 20.44
CA LEU A 19 2.98 5.07 20.62
C LEU A 19 3.60 3.97 19.77
N ARG A 20 4.05 2.91 20.43
CA ARG A 20 4.72 1.75 19.81
C ARG A 20 4.19 0.47 20.45
N TYR A 21 4.04 -0.58 19.63
CA TYR A 21 3.72 -1.95 20.09
C TYR A 21 4.80 -2.44 21.06
N LYS A 22 4.38 -3.15 22.12
CA LYS A 22 5.30 -3.86 23.06
C LYS A 22 4.49 -4.83 23.92
N ASP A 23 4.79 -6.12 23.81
CA ASP A 23 4.17 -7.21 24.62
C ASP A 23 2.64 -7.07 24.57
N ASN A 24 2.05 -7.19 23.38
CA ASN A 24 0.57 -7.31 23.25
C ASN A 24 -0.09 -6.00 23.75
N ASN A 25 0.54 -4.87 23.48
CA ASN A 25 0.09 -3.59 24.06
C ASN A 25 0.68 -2.44 23.23
N LEU A 26 0.13 -1.23 23.40
CA LEU A 26 0.72 0.07 22.97
C LEU A 26 1.27 0.76 24.21
N ILE A 27 2.43 1.41 24.10
CA ILE A 27 3.16 2.07 25.23
C ILE A 27 3.76 3.36 24.68
N ASP A 28 3.88 4.39 25.52
CA ASP A 28 4.62 5.63 25.21
C ASP A 28 6.10 5.38 25.44
N LEU A 29 6.88 5.30 24.36
CA LEU A 29 8.35 5.21 24.41
C LEU A 29 8.97 6.58 24.16
N SER A 30 8.25 7.67 24.42
CA SER A 30 8.80 9.04 24.25
C SER A 30 9.96 9.27 25.21
N GLY A 31 9.91 8.70 26.43
CA GLY A 31 10.84 8.98 27.54
C GLY A 31 10.24 9.90 28.61
N TYR A 32 8.96 10.25 28.45
CA TYR A 32 8.14 11.06 29.40
C TYR A 32 7.11 10.17 30.12
N GLY A 33 6.94 8.93 29.66
CA GLY A 33 6.26 7.85 30.40
C GLY A 33 4.78 8.10 30.61
N ALA A 34 4.07 8.59 29.58
CA ALA A 34 2.59 8.70 29.56
C ALA A 34 1.94 7.34 29.84
N LYS A 35 0.72 7.37 30.41
CA LYS A 35 -0.12 6.17 30.65
C LYS A 35 -1.00 5.93 29.41
N VAL A 36 -1.03 4.69 28.92
CA VAL A 36 -1.82 4.29 27.71
C VAL A 36 -2.71 3.10 28.08
N GLU A 37 -4.03 3.28 27.98
CA GLU A 37 -5.03 2.21 28.21
C GLU A 37 -5.61 1.77 26.86
N VAL A 38 -5.30 0.56 26.44
CA VAL A 38 -5.89 -0.05 25.23
C VAL A 38 -7.04 -0.96 25.68
N TYR A 39 -8.27 -0.70 25.22
CA TYR A 39 -9.47 -1.48 25.60
C TYR A 39 -9.60 -2.68 24.66
N ASP A 40 -10.47 -3.61 25.02
CA ASP A 40 -10.48 -5.00 24.46
C ASP A 40 -10.81 -4.97 22.98
N GLY A 41 -11.43 -3.88 22.49
CA GLY A 41 -11.96 -3.80 21.11
C GLY A 41 -10.94 -3.33 20.08
N VAL A 42 -9.73 -2.97 20.51
CA VAL A 42 -8.61 -2.55 19.62
C VAL A 42 -7.80 -3.78 19.26
N GLU A 43 -7.62 -4.07 17.98
CA GLU A 43 -6.75 -5.14 17.43
C GLU A 43 -5.35 -4.54 17.19
N LEU A 44 -4.31 -5.26 17.62
CA LEU A 44 -2.87 -4.86 17.54
C LEU A 44 -2.10 -5.97 16.87
N ASN A 45 -1.00 -5.64 16.22
CA ASN A 45 -0.01 -6.64 15.74
C ASN A 45 1.40 -6.06 15.95
N ASP A 46 2.41 -6.92 15.80
CA ASP A 46 3.85 -6.60 16.03
C ASP A 46 4.39 -5.86 14.81
N LYS A 47 3.53 -5.54 13.84
CA LYS A 47 3.85 -4.65 12.71
C LYS A 47 3.53 -3.18 13.08
N ASN A 48 3.14 -2.92 14.34
CA ASN A 48 2.82 -1.59 14.91
C ASN A 48 1.49 -1.07 14.34
N GLN A 49 0.66 -1.95 13.81
CA GLN A 49 -0.63 -1.55 13.23
C GLN A 49 -1.69 -1.76 14.31
N PHE A 50 -2.63 -0.83 14.44
CA PHE A 50 -3.79 -1.00 15.35
C PHE A 50 -5.06 -0.51 14.68
N LYS A 51 -6.16 -1.16 15.05
CA LYS A 51 -7.47 -1.04 14.37
C LYS A 51 -8.51 -0.50 15.35
N LEU A 52 -9.18 0.57 14.95
CA LEU A 52 -10.37 1.11 15.64
C LEU A 52 -11.63 0.66 14.89
N THR A 53 -12.60 0.07 15.59
CA THR A 53 -13.86 -0.44 14.99
C THR A 53 -14.99 0.41 15.55
N SER A 54 -16.24 0.01 15.32
CA SER A 54 -17.47 0.75 15.75
C SER A 54 -17.78 0.43 17.20
N SER A 55 -17.16 -0.63 17.73
CA SER A 55 -17.44 -1.25 19.05
C SER A 55 -17.18 -0.24 20.15
N ALA A 56 -18.03 -0.24 21.17
CA ALA A 56 -17.94 0.64 22.36
C ALA A 56 -16.55 0.55 22.99
N ASN A 57 -15.93 -0.64 23.01
CA ASN A 57 -14.65 -0.90 23.73
C ASN A 57 -13.45 -0.88 22.77
N SER A 58 -13.62 -0.50 21.50
CA SER A 58 -12.49 -0.21 20.58
C SER A 58 -12.02 1.23 20.83
N LYS A 59 -11.18 1.42 21.83
CA LYS A 59 -10.67 2.78 22.13
C LYS A 59 -9.35 2.69 22.88
N ILE A 60 -8.55 3.74 22.75
CA ILE A 60 -7.27 3.94 23.47
C ILE A 60 -7.40 5.27 24.21
N ARG A 61 -7.10 5.28 25.51
CA ARG A 61 -6.96 6.52 26.33
C ARG A 61 -5.49 6.69 26.68
N VAL A 62 -4.96 7.86 26.33
CA VAL A 62 -3.59 8.33 26.64
C VAL A 62 -3.72 9.52 27.58
N THR A 63 -3.14 9.38 28.76
CA THR A 63 -3.01 10.44 29.78
C THR A 63 -1.53 10.85 29.79
N GLN A 64 -1.24 12.12 29.49
CA GLN A 64 0.12 12.73 29.51
C GLN A 64 0.55 12.84 30.97
N ASN A 65 1.85 12.71 31.25
CA ASN A 65 2.35 12.59 32.65
C ASN A 65 2.21 13.94 33.35
N GLN A 66 1.61 13.93 34.54
CA GLN A 66 1.23 15.15 35.31
C GLN A 66 2.12 15.28 36.56
N ASN A 67 3.07 14.35 36.76
CA ASN A 67 4.13 14.41 37.81
C ASN A 67 5.37 15.12 37.28
N ILE A 68 5.53 15.21 35.96
CA ILE A 68 6.56 16.02 35.24
C ILE A 68 5.86 17.29 34.72
N ILE A 69 6.61 18.38 34.55
CA ILE A 69 6.06 19.72 34.17
C ILE A 69 5.97 19.79 32.63
N PHE A 70 4.79 20.11 32.09
CA PHE A 70 4.53 20.41 30.65
C PHE A 70 3.64 21.65 30.49
N ASN A 71 3.50 22.11 29.24
CA ASN A 71 2.72 23.34 28.87
C ASN A 71 1.23 23.10 29.14
N SER A 72 0.59 24.00 29.89
CA SER A 72 -0.90 23.99 30.11
C SER A 72 -1.59 24.15 28.74
N VAL A 73 -1.24 25.20 28.01
CA VAL A 73 -1.76 25.53 26.65
C VAL A 73 -0.55 25.71 25.72
N PHE A 74 -0.69 25.39 24.44
CA PHE A 74 0.41 25.53 23.44
C PHE A 74 -0.14 25.47 22.00
N LEU A 75 0.51 26.25 21.12
CA LEU A 75 0.12 26.45 19.69
C LEU A 75 1.40 26.45 18.83
N ASP A 76 2.38 25.59 19.15
CA ASP A 76 3.53 25.29 18.25
C ASP A 76 3.83 23.78 18.30
N PHE A 77 3.06 22.94 17.58
CA PHE A 77 3.14 21.46 17.70
C PHE A 77 2.79 20.76 16.39
N SER A 78 3.01 19.44 16.38
CA SER A 78 2.97 18.56 15.19
C SER A 78 2.45 17.15 15.58
N VAL A 79 1.69 16.54 14.67
CA VAL A 79 1.13 15.19 14.84
C VAL A 79 1.50 14.38 13.59
N SER A 80 2.13 13.23 13.77
CA SER A 80 2.60 12.34 12.68
C SER A 80 1.93 10.97 12.82
N PHE A 81 1.53 10.34 11.73
CA PHE A 81 1.05 8.94 11.78
C PHE A 81 0.78 8.46 10.37
N TRP A 82 0.70 7.15 10.19
CA TRP A 82 0.24 6.47 8.96
C TRP A 82 -1.21 6.03 9.16
N ILE A 83 -1.97 5.93 8.08
CA ILE A 83 -3.39 5.53 8.23
C ILE A 83 -3.78 4.69 7.03
N ARG A 84 -4.76 3.80 7.20
CA ARG A 84 -5.34 3.02 6.09
C ARG A 84 -6.86 3.07 6.22
N ILE A 85 -7.48 3.83 5.35
CA ILE A 85 -8.93 4.17 5.36
C ILE A 85 -9.58 3.32 4.28
N PRO A 86 -10.52 2.43 4.67
CA PRO A 86 -11.12 1.51 3.72
C PRO A 86 -11.98 2.26 2.71
N LYS A 87 -12.15 1.63 1.54
CA LYS A 87 -13.01 2.10 0.44
C LYS A 87 -14.46 2.14 0.93
N TYR A 88 -15.16 3.17 0.49
CA TYR A 88 -16.63 3.30 0.53
C TYR A 88 -17.28 1.98 0.16
N LYS A 89 -18.42 1.68 0.77
CA LYS A 89 -19.42 0.68 0.28
C LYS A 89 -20.16 1.31 -0.90
N ASN A 90 -20.30 0.56 -2.01
CA ASN A 90 -20.90 1.06 -3.27
C ASN A 90 -22.35 1.51 -3.00
N ASP A 91 -23.11 0.72 -2.22
CA ASP A 91 -24.51 1.02 -1.81
C ASP A 91 -24.58 1.94 -0.57
N GLY A 92 -23.49 2.60 -0.16
CA GLY A 92 -23.44 3.48 1.03
C GLY A 92 -22.75 4.80 0.76
N ILE A 93 -22.66 5.19 -0.50
CA ILE A 93 -21.88 6.39 -0.90
C ILE A 93 -22.49 7.68 -0.28
N GLN A 94 -23.81 7.74 -0.11
CA GLN A 94 -24.49 8.88 0.58
C GLN A 94 -23.89 9.13 1.97
N ASN A 95 -23.95 8.12 2.85
CA ASN A 95 -23.49 8.20 4.27
C ASN A 95 -21.98 8.49 4.30
N TYR A 96 -21.23 7.84 3.44
CA TYR A 96 -19.77 8.05 3.33
C TYR A 96 -19.47 9.54 3.14
N ILE A 97 -20.04 10.16 2.10
CA ILE A 97 -19.78 11.58 1.67
C ILE A 97 -20.19 12.54 2.78
N HIS A 98 -21.31 12.25 3.47
CA HIS A 98 -22.00 13.19 4.40
C HIS A 98 -21.55 13.02 5.86
N ASN A 99 -21.34 11.77 6.36
CA ASN A 99 -21.29 11.49 7.83
C ASN A 99 -19.84 11.58 8.34
N GLU A 100 -19.55 12.68 9.04
CA GLU A 100 -18.22 13.00 9.63
C GLU A 100 -18.12 12.19 10.91
N TYR A 101 -16.94 11.66 11.22
CA TYR A 101 -16.70 10.94 12.48
C TYR A 101 -15.30 11.27 12.97
N THR A 102 -15.20 11.46 14.28
CA THR A 102 -13.92 11.65 14.98
C THR A 102 -13.18 10.32 15.01
N ILE A 103 -11.85 10.38 14.93
CA ILE A 103 -10.98 9.18 15.16
C ILE A 103 -10.07 9.47 16.36
N ILE A 104 -9.64 10.72 16.57
CA ILE A 104 -8.76 11.11 17.72
C ILE A 104 -9.23 12.44 18.28
N ASN A 105 -9.42 12.47 19.61
CA ASN A 105 -9.99 13.61 20.37
C ASN A 105 -9.02 13.99 21.48
N CYS A 106 -8.62 15.27 21.55
CA CYS A 106 -7.81 15.84 22.66
C CYS A 106 -8.38 17.20 23.08
N MET A 107 -9.44 17.19 23.88
CA MET A 107 -10.16 18.42 24.29
C MET A 107 -10.38 18.49 25.81
N LYS A 108 -9.82 19.51 26.45
CA LYS A 108 -10.01 19.81 27.89
C LYS A 108 -10.67 21.18 28.04
N ASN A 109 -11.88 21.23 28.61
CA ASN A 109 -12.66 22.48 28.88
C ASN A 109 -13.09 23.11 27.55
N ASN A 110 -13.53 22.27 26.61
CA ASN A 110 -14.17 22.69 25.33
C ASN A 110 -13.15 23.26 24.32
N SER A 111 -11.85 23.11 24.57
CA SER A 111 -10.73 23.59 23.70
C SER A 111 -9.75 22.44 23.39
N GLY A 112 -8.92 22.62 22.37
CA GLY A 112 -7.91 21.65 21.91
C GLY A 112 -8.23 21.12 20.53
N TRP A 113 -7.52 20.08 20.10
CA TRP A 113 -7.52 19.58 18.71
C TRP A 113 -8.36 18.31 18.56
N LYS A 114 -8.68 17.97 17.30
CA LYS A 114 -9.23 16.63 16.97
C LYS A 114 -8.95 16.30 15.50
N ILE A 115 -8.84 15.00 15.22
CA ILE A 115 -8.72 14.45 13.85
C ILE A 115 -10.02 13.73 13.55
N SER A 116 -10.57 13.93 12.37
CA SER A 116 -11.88 13.37 11.96
C SER A 116 -11.82 13.05 10.46
N ILE A 117 -12.79 12.27 10.02
CA ILE A 117 -12.90 11.75 8.63
C ILE A 117 -14.34 11.98 8.21
N ARG A 118 -14.51 12.45 6.97
CA ARG A 118 -15.80 12.50 6.26
C ARG A 118 -15.52 11.92 4.88
N GLY A 119 -15.89 10.66 4.68
CA GLY A 119 -15.68 9.92 3.42
C GLY A 119 -14.22 9.96 3.00
N ASN A 120 -13.89 10.77 2.00
CA ASN A 120 -12.58 10.77 1.31
C ASN A 120 -11.75 11.96 1.82
N ARG A 121 -12.17 12.56 2.91
CA ARG A 121 -11.53 13.73 3.54
C ARG A 121 -11.00 13.33 4.93
N ILE A 122 -9.77 13.73 5.26
CA ILE A 122 -9.26 13.68 6.66
C ILE A 122 -9.08 15.13 7.12
N ILE A 123 -9.59 15.46 8.30
CA ILE A 123 -9.82 16.85 8.78
C ILE A 123 -9.07 17.08 10.10
N TRP A 124 -8.38 18.22 10.21
CA TRP A 124 -7.66 18.65 11.42
C TRP A 124 -8.35 19.91 11.93
N THR A 125 -8.87 19.89 13.16
CA THR A 125 -9.68 20.96 13.77
C THR A 125 -8.97 21.43 15.04
N LEU A 126 -8.71 22.75 15.14
CA LEU A 126 -8.35 23.44 16.40
C LEU A 126 -9.59 24.17 16.93
N ILE A 127 -9.64 24.37 18.24
CA ILE A 127 -10.70 25.09 18.99
C ILE A 127 -10.00 25.81 20.12
N ASP A 128 -10.22 27.13 20.32
CA ASP A 128 -9.58 27.91 21.42
C ASP A 128 -10.54 28.01 22.61
N ILE A 129 -10.03 28.59 23.70
CA ILE A 129 -10.78 28.85 24.97
C ILE A 129 -12.10 29.59 24.66
N ASN A 130 -12.08 30.55 23.72
CA ASN A 130 -13.25 31.39 23.32
C ASN A 130 -14.27 30.55 22.54
N GLY A 131 -13.80 29.50 21.86
CA GLY A 131 -14.61 28.58 21.03
C GLY A 131 -14.43 28.83 19.53
N LYS A 132 -13.45 29.65 19.12
CA LYS A 132 -13.10 29.81 17.67
C LYS A 132 -12.63 28.47 17.15
N THR A 133 -13.11 28.02 15.98
CA THR A 133 -12.80 26.70 15.42
C THR A 133 -12.27 26.88 14.00
N LYS A 134 -11.03 26.45 13.73
CA LYS A 134 -10.42 26.49 12.37
C LYS A 134 -9.97 25.09 11.96
N SER A 135 -10.21 24.74 10.69
CA SER A 135 -9.94 23.41 10.09
C SER A 135 -9.04 23.54 8.87
N VAL A 136 -8.20 22.54 8.66
CA VAL A 136 -7.51 22.22 7.38
C VAL A 136 -7.75 20.74 7.07
N PHE A 137 -7.94 20.40 5.79
CA PHE A 137 -8.31 19.04 5.36
C PHE A 137 -7.55 18.62 4.10
N PHE A 138 -7.47 17.31 3.89
CA PHE A 138 -6.92 16.65 2.69
C PHE A 138 -7.97 15.70 2.16
N GLU A 139 -8.44 15.97 0.94
CA GLU A 139 -9.45 15.17 0.20
C GLU A 139 -8.71 14.45 -0.94
N TYR A 140 -8.92 13.14 -1.09
CA TYR A 140 -8.40 12.36 -2.23
C TYR A 140 -9.57 12.03 -3.17
N ASN A 141 -9.25 11.86 -4.43
CA ASN A 141 -10.27 11.65 -5.48
C ASN A 141 -10.84 10.24 -5.37
N ILE A 142 -12.16 10.08 -5.34
CA ILE A 142 -12.85 8.75 -5.43
C ILE A 142 -13.46 8.55 -6.82
N ARG A 143 -12.86 9.13 -7.87
CA ARG A 143 -13.23 8.85 -9.29
C ARG A 143 -12.01 8.28 -10.05
N GLU A 144 -10.87 8.08 -9.38
CA GLU A 144 -9.58 7.64 -10.00
C GLU A 144 -9.68 6.17 -10.40
N ASP A 145 -9.12 5.82 -11.55
CA ASP A 145 -9.10 4.42 -12.04
C ASP A 145 -8.38 3.55 -11.00
N ILE A 146 -7.29 4.07 -10.45
CA ILE A 146 -6.46 3.42 -9.41
C ILE A 146 -6.00 4.49 -8.45
N SER A 147 -6.47 4.47 -7.20
CA SER A 147 -6.11 5.48 -6.17
C SER A 147 -4.79 5.14 -5.51
N GLU A 148 -3.98 6.15 -5.17
CA GLU A 148 -2.75 5.99 -4.37
C GLU A 148 -3.12 5.91 -2.89
N TYR A 149 -4.38 6.22 -2.53
CA TYR A 149 -4.81 6.60 -1.16
C TYR A 149 -5.92 5.66 -0.62
N ILE A 150 -6.93 5.27 -1.39
CA ILE A 150 -8.06 4.45 -0.85
C ILE A 150 -7.55 3.09 -0.39
N ASN A 151 -7.68 2.78 0.90
CA ASN A 151 -7.40 1.46 1.52
C ASN A 151 -5.90 1.12 1.46
N ARG A 152 -5.04 2.12 1.27
CA ARG A 152 -3.56 1.98 1.19
C ARG A 152 -2.93 2.79 2.32
N TRP A 153 -1.92 2.25 2.97
CA TRP A 153 -1.12 2.98 3.99
C TRP A 153 -0.54 4.24 3.36
N PHE A 154 -0.80 5.39 3.95
CA PHE A 154 -0.10 6.64 3.60
C PHE A 154 0.26 7.38 4.88
N PHE A 155 1.20 8.31 4.75
CA PHE A 155 1.86 9.05 5.85
C PHE A 155 1.31 10.48 5.96
N VAL A 156 0.64 10.80 7.06
CA VAL A 156 0.07 12.14 7.40
C VAL A 156 0.99 12.85 8.38
N THR A 157 1.21 14.15 8.18
CA THR A 157 1.87 15.03 9.18
C THR A 157 1.14 16.37 9.17
N ILE A 158 0.73 16.83 10.35
CA ILE A 158 0.01 18.10 10.61
C ILE A 158 0.92 18.94 11.50
N THR A 159 1.44 20.06 11.01
CA THR A 159 2.26 21.03 11.78
C THR A 159 1.40 22.24 12.13
N ASN A 160 1.71 22.92 13.23
CA ASN A 160 1.02 24.14 13.70
C ASN A 160 2.04 25.17 14.17
N ASN A 161 1.91 26.37 13.61
CA ASN A 161 2.63 27.62 13.94
C ASN A 161 1.56 28.56 14.53
N LEU A 162 1.89 29.81 14.87
CA LEU A 162 0.88 30.87 15.08
C LEU A 162 0.12 31.09 13.77
N ASN A 163 0.83 31.07 12.64
CA ASN A 163 0.34 31.51 11.31
C ASN A 163 -0.49 30.38 10.68
N ASN A 164 0.13 29.20 10.53
CA ASN A 164 -0.31 28.17 9.55
C ASN A 164 -0.58 26.83 10.25
N ALA A 165 -1.72 26.20 9.94
CA ALA A 165 -2.00 24.77 10.19
C ALA A 165 -1.84 24.03 8.87
N LYS A 166 -0.75 23.28 8.69
CA LYS A 166 -0.40 22.57 7.42
C LYS A 166 -0.68 21.06 7.54
N ILE A 167 -1.09 20.41 6.46
CA ILE A 167 -1.16 18.93 6.33
C ILE A 167 -0.22 18.50 5.20
N TYR A 168 0.72 17.61 5.52
CA TYR A 168 1.66 17.00 4.56
C TYR A 168 1.23 15.55 4.36
N ILE A 169 1.29 15.05 3.13
CA ILE A 169 0.93 13.64 2.80
C ILE A 169 2.13 13.00 2.13
N ASN A 170 2.58 11.87 2.63
CA ASN A 170 3.76 11.15 2.09
C ASN A 170 4.91 12.13 1.88
N GLY A 171 5.08 13.09 2.81
CA GLY A 171 6.25 13.99 2.85
C GLY A 171 6.07 15.27 2.05
N LYS A 172 4.89 15.51 1.45
CA LYS A 172 4.63 16.64 0.51
C LYS A 172 3.49 17.51 1.04
N LEU A 173 3.68 18.83 1.07
CA LEU A 173 2.66 19.81 1.52
C LEU A 173 1.42 19.69 0.62
N GLU A 174 0.22 19.87 1.16
CA GLU A 174 -1.05 19.60 0.44
C GLU A 174 -2.11 20.62 0.81
N SER A 175 -2.13 21.08 2.05
CA SER A 175 -3.20 21.99 2.54
C SER A 175 -2.63 22.98 3.55
N ASN A 176 -3.20 24.18 3.59
CA ASN A 176 -2.76 25.27 4.50
C ASN A 176 -3.99 26.12 4.85
N THR A 177 -4.19 26.37 6.14
CA THR A 177 -5.22 27.30 6.68
C THR A 177 -4.53 28.38 7.52
N ASP A 178 -5.06 29.61 7.46
CA ASP A 178 -4.62 30.76 8.30
C ASP A 178 -5.28 30.60 9.68
N ILE A 179 -4.48 30.55 10.74
CA ILE A 179 -4.94 30.35 12.14
C ILE A 179 -4.35 31.46 13.02
N LYS A 180 -4.23 32.67 12.48
CA LYS A 180 -3.79 33.85 13.27
C LYS A 180 -4.97 34.32 14.13
N ASP A 181 -6.20 34.01 13.72
CA ASP A 181 -7.45 34.42 14.43
C ASP A 181 -7.63 33.61 15.73
N ILE A 182 -6.79 32.59 15.98
CA ILE A 182 -6.83 31.72 17.18
C ILE A 182 -5.55 31.93 17.99
N ARG A 183 -5.67 32.35 19.24
CA ARG A 183 -4.48 32.70 20.06
C ARG A 183 -4.21 31.60 21.12
N GLU A 184 -5.23 30.85 21.59
CA GLU A 184 -5.11 30.00 22.82
C GLU A 184 -5.75 28.62 22.72
N VAL A 185 -4.91 27.57 22.67
CA VAL A 185 -5.37 26.16 22.48
C VAL A 185 -4.81 25.25 23.58
N ILE A 186 -5.71 24.63 24.36
CA ILE A 186 -5.38 23.67 25.45
C ILE A 186 -4.96 22.32 24.84
N ALA A 187 -3.70 21.93 25.01
CA ALA A 187 -3.13 20.73 24.35
C ALA A 187 -2.68 19.66 25.37
N ASN A 188 -3.26 19.63 26.58
CA ASN A 188 -2.86 18.68 27.67
C ASN A 188 -4.04 17.82 28.14
N GLY A 189 -5.12 17.73 27.36
CA GLY A 189 -6.26 16.85 27.64
C GLY A 189 -5.93 15.38 27.40
N GLU A 190 -6.84 14.50 27.79
CA GLU A 190 -6.76 13.07 27.43
C GLU A 190 -6.91 12.94 25.90
N ILE A 191 -6.04 12.14 25.29
CA ILE A 191 -6.16 11.76 23.87
C ILE A 191 -6.98 10.48 23.81
N ILE A 192 -8.17 10.57 23.23
CA ILE A 192 -9.10 9.41 23.06
C ILE A 192 -9.04 9.04 21.59
N PHE A 193 -8.52 7.86 21.29
CA PHE A 193 -8.59 7.18 19.99
C PHE A 193 -9.89 6.37 19.96
N LYS A 194 -10.85 6.78 19.13
CA LYS A 194 -12.18 6.12 19.05
C LYS A 194 -12.97 6.64 17.84
N LEU A 195 -13.62 5.75 17.09
CA LEU A 195 -14.63 6.14 16.06
C LEU A 195 -15.87 6.71 16.74
N ASP A 196 -16.16 7.99 16.51
CA ASP A 196 -17.29 8.71 17.16
C ASP A 196 -18.06 9.57 16.13
N GLY A 197 -19.23 9.08 15.71
CA GLY A 197 -20.18 9.77 14.81
C GLY A 197 -21.12 8.75 14.20
N ASP A 198 -22.01 9.17 13.28
CA ASP A 198 -23.01 8.26 12.64
C ASP A 198 -22.26 7.38 11.63
N ILE A 199 -21.60 6.32 12.11
CA ILE A 199 -20.76 5.42 11.26
C ILE A 199 -21.57 4.16 10.96
N ASP A 200 -21.20 3.40 9.92
CA ASP A 200 -21.81 2.07 9.64
C ASP A 200 -21.22 1.11 10.68
N ARG A 201 -21.95 0.07 11.06
CA ARG A 201 -21.48 -0.96 12.01
C ARG A 201 -20.13 -1.53 11.52
N THR A 202 -19.85 -1.44 10.23
CA THR A 202 -18.67 -2.11 9.61
C THR A 202 -17.49 -1.14 9.52
N GLN A 203 -17.64 0.10 9.94
CA GLN A 203 -16.57 1.12 9.75
C GLN A 203 -15.39 0.76 10.65
N PHE A 204 -14.19 1.00 10.14
CA PHE A 204 -12.90 0.81 10.83
C PHE A 204 -11.83 1.63 10.12
N ILE A 205 -10.73 1.84 10.84
CA ILE A 205 -9.51 2.63 10.50
C ILE A 205 -8.31 1.84 11.05
N TRP A 206 -7.24 1.70 10.26
CA TRP A 206 -5.94 1.20 10.74
C TRP A 206 -5.03 2.41 10.92
N MET A 207 -4.19 2.40 11.96
CA MET A 207 -3.18 3.45 12.22
C MET A 207 -1.89 2.79 12.68
N LYS A 208 -0.75 3.44 12.45
CA LYS A 208 0.56 3.02 13.00
C LYS A 208 1.45 4.24 13.22
N TYR A 209 2.38 4.12 14.16
CA TYR A 209 3.45 5.10 14.43
C TYR A 209 2.85 6.49 14.72
N PHE A 210 1.89 6.58 15.64
CA PHE A 210 1.32 7.87 16.06
C PHE A 210 2.29 8.56 17.04
N SER A 211 2.68 9.78 16.68
CA SER A 211 3.68 10.64 17.36
C SER A 211 3.15 12.05 17.49
N ILE A 212 3.52 12.73 18.58
CA ILE A 212 3.28 14.18 18.79
C ILE A 212 4.64 14.82 19.10
N PHE A 213 4.91 15.98 18.51
CA PHE A 213 6.16 16.75 18.75
C PHE A 213 5.79 18.14 19.26
N ASN A 214 6.66 18.74 20.07
CA ASN A 214 6.45 20.06 20.73
C ASN A 214 6.93 21.17 19.78
N THR A 215 7.12 20.87 18.50
CA THR A 215 7.61 21.86 17.50
C THR A 215 6.88 21.66 16.17
N GLU A 216 6.88 22.70 15.34
CA GLU A 216 6.45 22.73 13.92
C GLU A 216 7.59 22.11 13.10
N LEU A 217 7.36 20.98 12.47
CA LEU A 217 8.43 20.27 11.73
C LEU A 217 8.65 20.90 10.34
N SER A 218 9.91 21.02 9.94
CA SER A 218 10.34 21.44 8.59
C SER A 218 9.77 20.45 7.56
N GLN A 219 9.63 20.89 6.32
CA GLN A 219 9.29 19.97 5.19
C GLN A 219 10.42 18.93 5.08
N SER A 220 11.66 19.33 5.31
CA SER A 220 12.84 18.43 5.21
C SER A 220 12.77 17.31 6.27
N ASN A 221 12.36 17.64 7.50
CA ASN A 221 12.28 16.66 8.60
C ASN A 221 11.15 15.66 8.31
N ILE A 222 10.01 16.17 7.82
CA ILE A 222 8.82 15.36 7.44
C ILE A 222 9.19 14.38 6.30
N GLU A 223 10.00 14.78 5.35
CA GLU A 223 10.33 13.90 4.20
C GLU A 223 11.39 12.87 4.62
N GLU A 224 12.34 13.24 5.47
CA GLU A 224 13.31 12.28 6.03
C GLU A 224 12.55 11.20 6.81
N ARG A 225 11.56 11.64 7.60
CA ARG A 225 10.71 10.76 8.45
C ARG A 225 9.86 9.83 7.56
N TYR A 226 9.31 10.35 6.45
CA TYR A 226 8.54 9.53 5.49
C TYR A 226 9.46 8.41 4.96
N LYS A 227 10.70 8.75 4.62
CA LYS A 227 11.64 7.78 3.99
C LYS A 227 12.06 6.70 4.99
N ILE A 228 12.32 7.07 6.24
CA ILE A 228 12.76 6.11 7.29
C ILE A 228 11.60 5.20 7.73
N GLN A 229 10.40 5.74 7.91
CA GLN A 229 9.24 4.93 8.37
C GLN A 229 8.78 4.05 7.20
N SER A 230 9.31 4.28 5.99
CA SER A 230 8.98 3.51 4.76
C SER A 230 9.96 2.36 4.57
N TYR A 231 11.21 2.49 5.03
CA TYR A 231 12.29 1.51 4.75
C TYR A 231 11.99 0.17 5.46
N SER A 232 12.22 -0.95 4.77
CA SER A 232 12.21 -2.33 5.30
C SER A 232 13.05 -3.25 4.40
N GLU A 233 13.60 -4.34 4.96
CA GLU A 233 14.25 -5.46 4.18
C GLU A 233 13.19 -6.13 3.29
N TYR A 234 11.96 -6.21 3.78
CA TYR A 234 10.84 -6.99 3.18
C TYR A 234 10.11 -6.14 2.14
N LEU A 235 9.57 -6.78 1.11
CA LEU A 235 8.74 -6.08 0.11
C LEU A 235 7.32 -5.92 0.67
N LYS A 236 6.51 -5.11 0.00
CA LYS A 236 5.14 -4.78 0.45
C LYS A 236 4.16 -5.06 -0.67
N ASP A 237 2.91 -5.32 -0.29
CA ASP A 237 1.80 -5.63 -1.22
C ASP A 237 1.17 -4.29 -1.61
N PHE A 238 0.09 -4.33 -2.37
CA PHE A 238 -0.55 -3.15 -3.02
C PHE A 238 -1.03 -2.22 -1.91
N TRP A 239 -1.46 -2.82 -0.79
CA TRP A 239 -2.10 -2.05 0.31
C TRP A 239 -1.03 -1.39 1.20
N GLY A 240 0.20 -1.88 1.10
CA GLY A 240 1.35 -1.33 1.85
C GLY A 240 1.68 -2.20 3.06
N ASN A 241 1.13 -3.44 3.12
CA ASN A 241 1.41 -4.45 4.18
C ASN A 241 2.52 -5.34 3.67
N PRO A 242 3.18 -6.14 4.54
CA PRO A 242 4.30 -6.96 4.09
C PRO A 242 3.87 -8.00 3.06
N LEU A 243 4.69 -8.15 2.02
CA LEU A 243 4.51 -9.21 0.99
C LEU A 243 4.85 -10.57 1.62
N MET A 244 4.04 -11.62 1.33
CA MET A 244 4.04 -12.95 1.96
C MET A 244 4.20 -14.03 0.90
N TYR A 245 4.96 -15.08 1.23
CA TYR A 245 4.95 -16.39 0.57
C TYR A 245 3.61 -17.07 0.88
N ASN A 246 3.23 -18.01 0.04
CA ASN A 246 2.08 -18.93 0.24
C ASN A 246 0.78 -18.15 0.43
N LYS A 247 0.64 -16.98 -0.17
CA LYS A 247 -0.60 -16.15 -0.11
C LYS A 247 -1.09 -15.78 -1.52
N GLU A 248 -2.39 -15.95 -1.75
CA GLU A 248 -3.07 -15.70 -3.05
C GLU A 248 -3.01 -14.21 -3.32
N TYR A 249 -2.55 -13.82 -4.50
CA TYR A 249 -2.46 -12.40 -4.92
C TYR A 249 -2.92 -12.22 -6.37
N TYR A 250 -3.60 -11.11 -6.63
CA TYR A 250 -3.83 -10.61 -8.02
C TYR A 250 -2.63 -9.75 -8.38
N MET A 251 -2.40 -9.50 -9.67
CA MET A 251 -1.19 -8.78 -10.08
C MET A 251 -1.60 -7.47 -10.74
N PHE A 252 -0.96 -6.41 -10.31
CA PHE A 252 -1.14 -5.02 -10.80
C PHE A 252 0.17 -4.61 -11.46
N ASN A 253 0.06 -4.03 -12.67
CA ASN A 253 1.22 -3.42 -13.38
C ASN A 253 1.17 -1.92 -13.14
N ALA A 254 2.14 -1.34 -12.43
CA ALA A 254 2.20 0.12 -12.18
C ALA A 254 2.39 0.89 -13.50
N GLY A 255 3.03 0.27 -14.51
CA GLY A 255 3.25 0.88 -15.83
C GLY A 255 2.04 0.79 -16.76
N ASN A 256 1.14 -0.16 -16.55
CA ASN A 256 -0.12 -0.30 -17.33
C ASN A 256 -1.24 -0.47 -16.33
N LYS A 257 -1.62 0.60 -15.67
CA LYS A 257 -2.49 0.52 -14.48
C LYS A 257 -3.80 -0.21 -14.82
N ASN A 258 -4.35 -0.01 -16.01
CA ASN A 258 -5.71 -0.49 -16.37
C ASN A 258 -5.58 -1.86 -17.05
N SER A 259 -4.40 -2.48 -16.92
CA SER A 259 -4.07 -3.81 -17.46
C SER A 259 -4.11 -4.89 -16.36
N TYR A 260 -4.45 -6.12 -16.75
CA TYR A 260 -4.43 -7.33 -15.89
C TYR A 260 -4.08 -8.55 -16.75
N ILE A 261 -3.55 -9.60 -16.13
CA ILE A 261 -3.00 -10.83 -16.79
C ILE A 261 -4.08 -11.90 -16.77
N LYS A 262 -4.34 -12.56 -17.88
CA LYS A 262 -5.28 -13.70 -17.97
C LYS A 262 -4.69 -14.77 -18.89
N LEU A 263 -4.81 -16.02 -18.50
CA LEU A 263 -4.26 -17.19 -19.23
C LEU A 263 -5.05 -17.27 -20.54
N LYS A 264 -4.38 -17.18 -21.69
CA LYS A 264 -5.08 -17.22 -23.00
C LYS A 264 -5.78 -18.59 -23.10
N LYS A 265 -7.00 -18.61 -23.64
CA LYS A 265 -7.78 -19.86 -23.88
C LYS A 265 -7.04 -20.74 -24.90
N ASP A 266 -6.75 -21.99 -24.51
CA ASP A 266 -6.11 -23.02 -25.38
C ASP A 266 -4.71 -22.52 -25.80
N SER A 267 -4.04 -21.77 -24.92
CA SER A 267 -2.66 -21.31 -25.17
C SER A 267 -1.96 -21.02 -23.85
N PRO A 268 -0.77 -21.62 -23.62
CA PRO A 268 -0.04 -21.45 -22.35
C PRO A 268 0.75 -20.14 -22.27
N VAL A 269 0.05 -19.02 -22.47
CA VAL A 269 0.64 -17.67 -22.34
C VAL A 269 -0.37 -16.74 -21.66
N GLY A 270 0.13 -15.61 -21.16
CA GLY A 270 -0.67 -14.59 -20.48
C GLY A 270 -0.97 -13.43 -21.42
N GLU A 271 -2.23 -13.31 -21.81
CA GLU A 271 -2.72 -12.14 -22.58
C GLU A 271 -2.98 -11.04 -21.56
N ILE A 272 -2.82 -9.80 -21.98
CA ILE A 272 -3.06 -8.61 -21.14
C ILE A 272 -4.40 -8.04 -21.57
N LEU A 273 -5.37 -8.04 -20.67
CA LEU A 273 -6.73 -7.47 -20.90
C LEU A 273 -6.86 -6.16 -20.13
N THR A 274 -7.95 -5.43 -20.37
CA THR A 274 -8.24 -4.11 -19.79
C THR A 274 -9.18 -4.30 -18.60
N ARG A 275 -8.84 -3.71 -17.47
CA ARG A 275 -9.62 -3.90 -16.22
C ARG A 275 -11.05 -3.44 -16.44
N SER A 276 -12.02 -4.26 -16.07
CA SER A 276 -13.45 -3.88 -15.95
C SER A 276 -13.55 -2.72 -14.95
N LYS A 277 -14.66 -1.95 -14.97
CA LYS A 277 -14.77 -0.75 -14.10
C LYS A 277 -16.08 -0.78 -13.32
N TYR A 278 -16.19 0.10 -12.31
CA TYR A 278 -17.44 0.40 -11.58
C TYR A 278 -18.57 0.55 -12.60
N ASN A 279 -19.66 -0.21 -12.46
CA ASN A 279 -20.73 -0.29 -13.48
C ASN A 279 -22.05 0.30 -12.97
N GLN A 280 -22.23 0.52 -11.66
CA GLN A 280 -23.51 1.07 -11.12
C GLN A 280 -23.60 2.58 -11.44
N ASN A 281 -24.66 3.22 -10.97
CA ASN A 281 -25.10 4.53 -11.53
C ASN A 281 -24.66 5.70 -10.65
N SER A 282 -23.88 5.49 -9.59
CA SER A 282 -23.41 6.65 -8.79
C SER A 282 -22.57 7.58 -9.66
N LYS A 283 -22.88 8.88 -9.60
CA LYS A 283 -22.17 9.98 -10.31
C LYS A 283 -20.94 10.39 -9.49
N TYR A 284 -20.84 9.96 -8.24
CA TYR A 284 -19.80 10.41 -7.27
C TYR A 284 -18.54 9.55 -7.36
N ILE A 285 -18.58 8.34 -7.93
CA ILE A 285 -17.47 7.35 -7.80
C ILE A 285 -17.20 6.65 -9.13
N ASN A 286 -15.96 6.21 -9.26
CA ASN A 286 -15.45 5.38 -10.39
C ASN A 286 -14.15 4.76 -9.92
N TYR A 287 -13.89 3.53 -10.33
CA TYR A 287 -12.63 2.80 -10.04
C TYR A 287 -12.47 1.70 -11.07
N ARG A 288 -11.25 1.16 -11.18
CA ARG A 288 -11.00 -0.11 -11.88
C ARG A 288 -11.09 -1.27 -10.90
N ASP A 289 -11.72 -2.36 -11.30
CA ASP A 289 -11.78 -3.63 -10.54
C ASP A 289 -10.35 -4.10 -10.29
N LEU A 290 -10.06 -4.62 -9.09
CA LEU A 290 -8.72 -5.10 -8.67
C LEU A 290 -8.67 -6.63 -8.57
N TYR A 291 -9.77 -7.28 -8.26
CA TYR A 291 -9.85 -8.74 -7.98
C TYR A 291 -10.23 -9.44 -9.29
N ILE A 292 -9.37 -9.27 -10.30
CA ILE A 292 -9.52 -9.95 -11.62
C ILE A 292 -8.18 -10.46 -12.12
N GLY A 293 -8.25 -11.41 -13.04
CA GLY A 293 -7.08 -12.04 -13.66
C GLY A 293 -6.64 -13.25 -12.88
N GLU A 294 -5.50 -13.84 -13.25
CA GLU A 294 -5.05 -15.08 -12.61
C GLU A 294 -4.71 -14.78 -11.13
N LYS A 295 -4.92 -15.79 -10.31
CA LYS A 295 -4.58 -15.78 -8.87
C LYS A 295 -3.17 -16.39 -8.76
N PHE A 296 -2.21 -15.54 -8.41
CA PHE A 296 -0.76 -15.85 -8.30
C PHE A 296 -0.43 -16.18 -6.83
N ILE A 297 0.65 -16.96 -6.66
CA ILE A 297 1.17 -17.32 -5.31
C ILE A 297 2.68 -17.41 -5.41
N ILE A 298 3.38 -16.83 -4.42
CA ILE A 298 4.86 -16.76 -4.35
C ILE A 298 5.36 -17.91 -3.48
N ARG A 299 6.31 -18.68 -3.99
CA ARG A 299 6.96 -19.79 -3.24
C ARG A 299 8.46 -19.49 -3.17
N ARG A 300 9.06 -19.71 -2.00
CA ARG A 300 10.54 -19.76 -1.81
C ARG A 300 11.12 -20.85 -2.68
N LYS A 301 12.22 -20.59 -3.40
CA LYS A 301 12.92 -21.63 -4.20
C LYS A 301 13.56 -22.65 -3.26
N SER A 302 14.19 -22.22 -2.18
CA SER A 302 14.97 -23.11 -1.28
C SER A 302 14.31 -23.19 0.11
N ASN A 303 14.37 -24.38 0.71
CA ASN A 303 13.88 -24.67 2.09
C ASN A 303 15.09 -24.97 3.02
N SER A 304 16.28 -25.20 2.46
CA SER A 304 17.54 -25.48 3.22
C SER A 304 18.07 -24.19 3.88
N GLN A 305 17.86 -23.02 3.25
CA GLN A 305 18.07 -21.68 3.87
C GLN A 305 17.15 -21.56 5.09
N SER A 306 17.43 -20.64 6.01
CA SER A 306 16.57 -20.38 7.21
C SER A 306 15.30 -19.64 6.79
N ILE A 307 14.13 -20.19 7.15
CA ILE A 307 12.80 -19.64 6.74
C ILE A 307 11.87 -19.67 7.96
N ASN A 308 12.18 -18.90 9.01
CA ASN A 308 11.37 -18.85 10.26
C ASN A 308 9.96 -18.29 9.97
N ASP A 309 9.86 -17.22 9.16
CA ASP A 309 8.60 -16.50 8.86
C ASP A 309 8.31 -16.58 7.35
N ASP A 310 7.13 -16.08 6.94
CA ASP A 310 6.65 -16.20 5.54
C ASP A 310 6.74 -14.84 4.84
N ILE A 311 7.73 -14.02 5.16
CA ILE A 311 7.84 -12.65 4.63
C ILE A 311 8.84 -12.61 3.46
N VAL A 312 8.45 -12.01 2.34
CA VAL A 312 9.29 -11.96 1.12
C VAL A 312 10.24 -10.77 1.25
N ARG A 313 11.54 -11.02 1.07
CA ARG A 313 12.61 -10.02 1.28
C ARG A 313 13.27 -9.71 -0.05
N LYS A 314 13.86 -8.52 -0.17
CA LYS A 314 14.61 -8.11 -1.38
C LYS A 314 15.70 -9.15 -1.63
N GLU A 315 15.87 -9.52 -2.90
CA GLU A 315 16.94 -10.41 -3.43
C GLU A 315 16.61 -11.90 -3.17
N ASP A 316 15.44 -12.20 -2.57
CA ASP A 316 15.02 -13.62 -2.33
C ASP A 316 14.85 -14.25 -3.72
N TYR A 317 15.06 -15.55 -3.80
CA TYR A 317 14.87 -16.37 -5.02
C TYR A 317 13.51 -17.05 -4.85
N ILE A 318 12.62 -16.91 -5.82
CA ILE A 318 11.22 -17.42 -5.70
C ILE A 318 10.85 -18.18 -6.96
N TYR A 319 9.79 -18.97 -6.88
CA TYR A 319 8.97 -19.37 -8.02
C TYR A 319 7.75 -18.46 -8.04
N LEU A 320 7.24 -18.16 -9.22
CA LEU A 320 6.00 -17.36 -9.33
C LEU A 320 4.96 -18.32 -9.90
N ASP A 321 4.00 -18.72 -9.08
CA ASP A 321 2.98 -19.75 -9.44
C ASP A 321 1.61 -19.08 -9.58
N PHE A 322 0.64 -19.79 -10.17
CA PHE A 322 -0.78 -19.37 -10.21
C PHE A 322 -1.67 -20.59 -10.27
N PHE A 323 -2.96 -20.38 -10.04
CA PHE A 323 -3.95 -21.49 -9.99
C PHE A 323 -4.65 -21.57 -11.34
N ASN A 324 -4.68 -22.76 -11.92
CA ASN A 324 -5.39 -23.07 -13.18
C ASN A 324 -5.94 -24.48 -13.07
N LEU A 325 -7.23 -24.67 -13.31
CA LEU A 325 -7.86 -26.02 -13.41
C LEU A 325 -7.62 -26.79 -12.10
N ASN A 326 -7.75 -26.09 -10.96
CA ASN A 326 -7.65 -26.68 -9.60
C ASN A 326 -6.26 -27.33 -9.43
N GLN A 327 -5.22 -26.67 -9.94
CA GLN A 327 -3.82 -27.18 -9.93
C GLN A 327 -2.89 -25.97 -9.83
N GLU A 328 -1.76 -26.10 -9.15
CA GLU A 328 -0.77 -25.01 -9.03
C GLU A 328 0.13 -25.07 -10.27
N TRP A 329 0.09 -24.05 -11.13
CA TRP A 329 0.95 -23.93 -12.35
C TRP A 329 2.07 -22.93 -12.06
N ARG A 330 3.02 -22.76 -12.99
CA ARG A 330 4.22 -21.92 -12.78
C ARG A 330 4.51 -21.04 -14.01
N VAL A 331 5.22 -19.95 -13.77
CA VAL A 331 5.64 -18.99 -14.82
C VAL A 331 7.11 -19.29 -15.15
N TYR A 332 7.38 -19.56 -16.42
CA TYR A 332 8.72 -19.93 -16.94
C TYR A 332 9.10 -18.93 -18.02
N THR A 333 10.39 -18.78 -18.29
CA THR A 333 10.87 -18.22 -19.58
C THR A 333 11.59 -19.34 -20.33
N TYR A 334 11.36 -19.43 -21.64
CA TYR A 334 12.13 -20.28 -22.59
C TYR A 334 13.60 -19.85 -22.48
N LYS A 335 14.53 -20.81 -22.45
CA LYS A 335 15.98 -20.57 -22.17
C LYS A 335 16.62 -19.83 -23.33
N TYR A 336 16.23 -20.14 -24.56
CA TYR A 336 16.92 -19.70 -25.81
C TYR A 336 16.04 -18.71 -26.56
N PHE A 337 15.89 -17.50 -26.05
CA PHE A 337 15.17 -16.42 -26.78
C PHE A 337 16.21 -15.41 -27.28
N LYS A 338 16.36 -15.36 -28.61
CA LYS A 338 17.35 -14.50 -29.32
C LYS A 338 16.81 -13.07 -29.35
N LYS A 339 15.49 -12.93 -29.53
CA LYS A 339 14.74 -11.65 -29.57
C LYS A 339 15.02 -10.86 -28.28
N GLU A 340 14.60 -9.60 -28.22
CA GLU A 340 14.84 -8.69 -27.07
C GLU A 340 13.73 -8.90 -26.00
N GLU A 341 12.55 -9.37 -26.43
CA GLU A 341 11.41 -9.74 -25.57
C GLU A 341 10.76 -11.04 -26.06
N GLU A 342 10.28 -11.89 -25.13
CA GLU A 342 9.54 -13.13 -25.46
C GLU A 342 8.34 -13.29 -24.51
N LYS A 343 7.26 -13.91 -25.00
CA LYS A 343 6.09 -14.30 -24.19
C LYS A 343 6.55 -15.30 -23.15
N LEU A 344 6.10 -15.14 -21.90
CA LEU A 344 6.40 -16.14 -20.84
C LEU A 344 5.55 -17.39 -21.07
N PHE A 345 6.06 -18.52 -20.61
CA PHE A 345 5.40 -19.86 -20.63
C PHE A 345 4.73 -20.11 -19.27
N LEU A 346 3.42 -20.33 -19.30
CA LEU A 346 2.51 -20.54 -18.15
C LEU A 346 2.00 -21.98 -18.26
N ALA A 347 2.42 -22.84 -17.34
CA ALA A 347 2.27 -24.29 -17.52
C ALA A 347 2.50 -24.99 -16.19
N PRO A 348 2.09 -26.28 -16.09
CA PRO A 348 2.28 -27.06 -14.87
C PRO A 348 3.73 -27.10 -14.37
N ILE A 349 3.90 -27.44 -13.09
CA ILE A 349 5.24 -27.57 -12.44
C ILE A 349 5.93 -28.79 -13.10
N SER A 350 7.18 -28.64 -13.56
CA SER A 350 7.89 -29.58 -14.50
C SER A 350 9.39 -29.29 -14.45
N ASP A 351 10.22 -30.32 -14.28
CA ASP A 351 11.68 -30.19 -14.47
C ASP A 351 11.87 -30.26 -15.98
N SER A 352 12.10 -29.13 -16.64
CA SER A 352 12.31 -29.09 -18.10
C SER A 352 13.59 -28.33 -18.37
N ASP A 353 14.47 -28.89 -19.18
CA ASP A 353 15.78 -28.28 -19.56
C ASP A 353 15.54 -27.07 -20.45
N GLU A 354 14.39 -27.03 -21.12
CA GLU A 354 14.09 -25.98 -22.13
C GLU A 354 13.60 -24.69 -21.46
N PHE A 355 13.33 -24.68 -20.16
CA PHE A 355 12.79 -23.46 -19.49
C PHE A 355 13.47 -23.18 -18.14
N TYR A 356 13.72 -21.90 -17.87
CA TYR A 356 14.07 -21.36 -16.53
C TYR A 356 12.78 -21.12 -15.74
N ASN A 357 12.85 -21.36 -14.44
CA ASN A 357 11.69 -21.21 -13.51
C ASN A 357 12.07 -20.34 -12.30
N THR A 358 13.30 -19.84 -12.25
CA THR A 358 13.88 -19.16 -11.06
C THR A 358 13.84 -17.64 -11.24
N ILE A 359 13.21 -16.94 -10.29
CA ILE A 359 13.00 -15.47 -10.26
C ILE A 359 13.69 -14.92 -9.00
N GLN A 360 14.43 -13.83 -9.12
CA GLN A 360 14.89 -13.03 -7.98
C GLN A 360 13.99 -11.80 -7.92
N ILE A 361 13.53 -11.44 -6.72
CA ILE A 361 12.58 -10.30 -6.50
C ILE A 361 13.43 -9.12 -6.02
N LYS A 362 13.33 -8.00 -6.72
CA LYS A 362 14.25 -6.84 -6.63
C LYS A 362 13.45 -5.63 -6.23
N GLU A 363 14.13 -4.61 -5.70
CA GLU A 363 13.61 -3.24 -5.53
C GLU A 363 14.67 -2.26 -6.07
N TYR A 364 14.58 -1.94 -7.36
CA TYR A 364 15.48 -1.00 -8.07
C TYR A 364 15.18 0.46 -7.73
N ASP A 365 13.92 0.80 -7.36
CA ASP A 365 13.53 2.15 -6.86
C ASP A 365 14.22 2.41 -5.52
N GLU A 366 14.71 3.64 -5.28
CA GLU A 366 15.28 4.08 -3.97
C GLU A 366 14.32 5.00 -3.21
N GLN A 367 13.25 5.49 -3.84
CA GLN A 367 12.18 6.21 -3.10
C GLN A 367 11.20 5.19 -2.49
N PRO A 368 10.45 5.55 -1.44
CA PRO A 368 9.35 4.70 -0.95
C PRO A 368 8.38 4.36 -2.08
N THR A 369 8.03 3.07 -2.20
CA THR A 369 7.16 2.53 -3.25
C THR A 369 6.54 1.22 -2.75
N TYR A 370 5.46 0.74 -3.35
CA TYR A 370 4.92 -0.63 -3.07
C TYR A 370 5.20 -1.57 -4.23
N SER A 371 5.89 -1.09 -5.28
CA SER A 371 6.25 -1.83 -6.52
C SER A 371 7.53 -2.66 -6.33
N CYS A 372 7.61 -3.81 -7.03
CA CYS A 372 8.80 -4.69 -7.00
C CYS A 372 9.10 -5.14 -8.42
N GLN A 373 10.30 -5.69 -8.66
CA GLN A 373 10.68 -6.18 -10.01
C GLN A 373 11.05 -7.66 -9.93
N LEU A 374 10.91 -8.34 -11.06
CA LEU A 374 11.01 -9.81 -11.12
C LEU A 374 12.05 -10.19 -12.18
N LEU A 375 13.20 -10.67 -11.71
CA LEU A 375 14.43 -10.94 -12.49
C LEU A 375 14.62 -12.46 -12.65
N PHE A 376 14.42 -12.96 -13.87
CA PHE A 376 14.75 -14.35 -14.28
C PHE A 376 16.28 -14.50 -14.33
N LYS A 377 16.75 -15.62 -13.77
CA LYS A 377 18.18 -16.00 -13.70
C LYS A 377 18.29 -17.50 -13.99
N LYS A 378 19.51 -17.99 -14.21
CA LYS A 378 19.75 -19.43 -14.49
C LYS A 378 19.57 -20.19 -13.17
N ASP A 379 20.38 -19.83 -12.16
CA ASP A 379 20.40 -20.46 -10.82
C ASP A 379 20.52 -19.37 -9.76
N GLU A 380 20.36 -19.77 -8.50
CA GLU A 380 20.64 -18.90 -7.32
C GLU A 380 22.10 -18.42 -7.39
N GLU A 381 22.99 -19.20 -8.03
CA GLU A 381 24.45 -18.94 -8.09
C GLU A 381 24.81 -18.12 -9.33
N SER A 382 24.37 -18.55 -10.52
CA SER A 382 24.60 -17.86 -11.81
C SER A 382 24.40 -16.34 -11.63
N THR A 383 25.31 -15.55 -12.19
CA THR A 383 25.42 -14.08 -11.96
C THR A 383 24.89 -13.30 -13.17
N ASP A 384 24.44 -13.99 -14.23
CA ASP A 384 23.99 -13.38 -15.50
C ASP A 384 22.46 -13.31 -15.55
N GLU A 385 21.94 -12.19 -16.10
CA GLU A 385 20.52 -11.77 -16.05
C GLU A 385 19.87 -12.08 -17.41
N ILE A 386 18.75 -12.78 -17.39
CA ILE A 386 18.01 -13.25 -18.61
C ILE A 386 17.06 -12.13 -19.08
N GLY A 387 16.34 -11.50 -18.16
CA GLY A 387 15.39 -10.40 -18.43
C GLY A 387 14.46 -10.18 -17.27
N LEU A 388 13.72 -9.07 -17.26
CA LEU A 388 12.76 -8.72 -16.19
C LEU A 388 11.33 -8.99 -16.69
N ILE A 389 10.46 -9.54 -15.84
CA ILE A 389 9.05 -9.82 -16.26
C ILE A 389 8.37 -8.49 -16.50
N GLY A 390 7.66 -8.35 -17.62
CA GLY A 390 6.89 -7.13 -17.93
C GLY A 390 5.74 -7.40 -18.86
N ILE A 391 5.39 -6.39 -19.64
CA ILE A 391 4.34 -6.46 -20.69
C ILE A 391 4.89 -5.89 -22.01
N HIS A 392 4.53 -6.48 -23.15
CA HIS A 392 5.00 -6.03 -24.49
C HIS A 392 3.92 -6.28 -25.55
N ARG A 393 3.84 -5.33 -26.47
CA ARG A 393 2.90 -5.30 -27.62
C ARG A 393 3.57 -6.14 -28.69
N PHE A 394 3.06 -7.34 -28.97
CA PHE A 394 3.59 -8.29 -29.98
C PHE A 394 2.72 -8.29 -31.23
N TYR A 395 3.37 -8.52 -32.37
CA TYR A 395 2.68 -8.74 -33.67
C TYR A 395 1.86 -10.03 -33.53
N GLU A 396 0.58 -9.95 -33.91
CA GLU A 396 -0.45 -11.01 -33.74
C GLU A 396 -0.83 -11.55 -35.13
N SER A 397 -1.23 -10.69 -36.07
CA SER A 397 -1.78 -11.15 -37.38
C SER A 397 -1.86 -10.00 -38.38
N GLY A 398 -2.32 -10.30 -39.59
CA GLY A 398 -2.65 -9.28 -40.61
C GLY A 398 -1.46 -9.02 -41.54
N TRP A 399 -1.73 -8.70 -42.80
CA TRP A 399 -0.68 -8.28 -43.77
C TRP A 399 -0.99 -6.86 -44.24
N TRP A 400 -2.20 -6.63 -44.75
CA TRP A 400 -2.71 -5.27 -45.05
C TRP A 400 -2.84 -4.49 -43.74
N PHE A 401 -3.81 -4.84 -42.89
CA PHE A 401 -3.96 -4.25 -41.53
C PHE A 401 -3.24 -5.18 -40.55
N GLU A 402 -2.41 -4.61 -39.68
CA GLU A 402 -1.60 -5.35 -38.69
C GLU A 402 -2.26 -5.27 -37.30
N GLU A 403 -2.70 -6.42 -36.77
CA GLU A 403 -3.18 -6.58 -35.36
C GLU A 403 -1.97 -6.82 -34.45
N TYR A 404 -1.87 -6.02 -33.39
CA TYR A 404 -0.88 -6.18 -32.30
C TYR A 404 -1.65 -6.51 -31.01
N LYS A 405 -0.98 -7.14 -30.05
CA LYS A 405 -1.66 -7.61 -28.80
C LYS A 405 -0.65 -7.73 -27.65
N ASP A 406 -1.06 -7.27 -26.48
CA ASP A 406 -0.21 -7.24 -25.27
C ASP A 406 -0.19 -8.64 -24.66
N TYR A 407 1.00 -9.07 -24.25
CA TYR A 407 1.25 -10.38 -23.57
C TYR A 407 2.18 -10.17 -22.39
N PHE A 408 1.99 -11.03 -21.39
CA PHE A 408 2.86 -11.22 -20.21
C PHE A 408 4.18 -11.74 -20.76
N CYS A 409 5.27 -10.99 -20.54
CA CYS A 409 6.56 -11.24 -21.21
C CYS A 409 7.77 -11.04 -20.28
N ILE A 410 8.93 -11.47 -20.77
CA ILE A 410 10.29 -11.14 -20.28
C ILE A 410 10.92 -10.20 -21.29
N SER A 411 11.83 -9.34 -20.85
CA SER A 411 12.51 -8.34 -21.69
C SER A 411 13.89 -8.02 -21.14
N LYS A 412 14.93 -8.17 -21.98
CA LYS A 412 16.30 -7.68 -21.69
C LYS A 412 16.30 -6.15 -21.66
N TRP A 413 15.41 -5.51 -22.43
CA TRP A 413 15.35 -4.03 -22.58
C TRP A 413 15.25 -3.37 -21.21
N TYR A 414 14.40 -3.91 -20.33
CA TYR A 414 14.15 -3.37 -18.96
C TYR A 414 15.46 -3.27 -18.18
N LEU A 415 16.40 -4.22 -18.34
CA LEU A 415 17.69 -4.28 -17.56
C LEU A 415 18.46 -2.94 -17.62
N LYS A 416 18.36 -2.19 -18.72
CA LYS A 416 19.07 -0.91 -18.87
C LYS A 416 18.20 0.22 -18.29
N GLU A 417 16.89 0.10 -18.46
CA GLU A 417 15.93 1.16 -18.05
C GLU A 417 15.81 1.22 -16.52
N VAL A 418 16.07 0.12 -15.80
CA VAL A 418 16.02 0.12 -14.30
C VAL A 418 17.26 0.85 -13.72
N LYS A 419 18.28 1.14 -14.52
CA LYS A 419 19.54 1.78 -14.05
C LYS A 419 19.46 3.31 -14.10
N ARG A 420 18.53 3.85 -14.90
CA ARG A 420 18.36 5.32 -15.09
C ARG A 420 17.77 5.95 -13.83
N LYS A 421 18.32 7.09 -13.43
CA LYS A 421 17.91 7.77 -12.19
C LYS A 421 17.44 9.20 -12.46
N PRO A 422 16.13 9.48 -12.27
CA PRO A 422 15.39 8.96 -11.11
C PRO A 422 14.68 7.70 -11.65
N TYR A 423 14.31 6.74 -10.80
CA TYR A 423 13.73 5.46 -11.28
C TYR A 423 12.45 5.79 -12.05
N ASN A 424 12.33 5.25 -13.27
CA ASN A 424 11.17 5.43 -14.17
C ASN A 424 9.98 4.62 -13.64
N LEU A 425 9.04 5.29 -12.96
CA LEU A 425 7.85 4.66 -12.34
C LEU A 425 6.94 4.06 -13.41
N LYS A 426 7.09 4.48 -14.68
CA LYS A 426 6.16 4.14 -15.78
C LYS A 426 6.54 2.81 -16.45
N LEU A 427 7.65 2.17 -16.05
CA LEU A 427 8.09 0.90 -16.67
C LEU A 427 7.09 -0.21 -16.39
N GLY A 428 6.78 -1.03 -17.38
CA GLY A 428 5.90 -2.20 -17.21
C GLY A 428 6.61 -3.35 -16.51
N CYS A 429 7.83 -3.15 -16.00
CA CYS A 429 8.53 -4.14 -15.14
C CYS A 429 8.21 -3.87 -13.67
N ASN A 430 7.41 -2.84 -13.37
CA ASN A 430 7.00 -2.47 -11.99
C ASN A 430 5.67 -3.13 -11.66
N TRP A 431 5.68 -4.10 -10.75
CA TRP A 431 4.48 -4.85 -10.30
C TRP A 431 4.15 -4.63 -8.80
N GLN A 432 2.86 -4.63 -8.50
CA GLN A 432 2.34 -4.75 -7.11
C GLN A 432 1.49 -6.02 -7.05
N PHE A 433 1.39 -6.59 -5.85
CA PHE A 433 0.61 -7.82 -5.55
C PHE A 433 -0.58 -7.43 -4.67
N ILE A 434 -1.80 -7.81 -5.07
CA ILE A 434 -3.09 -7.37 -4.44
C ILE A 434 -3.79 -8.62 -3.91
N PRO A 435 -3.82 -8.83 -2.58
CA PRO A 435 -4.66 -9.85 -1.98
C PRO A 435 -6.06 -9.29 -1.68
N LYS A 436 -7.07 -10.13 -1.57
CA LYS A 436 -8.41 -9.73 -1.06
C LYS A 436 -8.21 -9.08 0.31
N ASP A 437 -8.88 -7.95 0.55
CA ASP A 437 -8.78 -7.16 1.79
C ASP A 437 -10.17 -6.64 2.18
N GLU A 438 -10.54 -6.72 3.46
CA GLU A 438 -11.92 -6.32 3.88
C GLU A 438 -12.15 -4.83 3.61
N GLY A 439 -11.09 -4.03 3.47
CA GLY A 439 -11.21 -2.58 3.20
C GLY A 439 -11.42 -2.27 1.72
N TRP A 440 -11.52 -3.28 0.84
CA TRP A 440 -11.84 -3.02 -0.58
C TRP A 440 -12.88 -4.03 -1.08
N THR A 441 -14.10 -3.56 -1.33
CA THR A 441 -15.20 -4.36 -1.91
C THR A 441 -15.57 -3.74 -3.26
N GLU A 442 -15.85 -4.57 -4.26
CA GLU A 442 -16.19 -4.12 -5.65
C GLU A 442 -17.24 -5.07 -6.21
N GLU B 5 1.16 -36.28 -17.73
CA GLU B 5 1.95 -37.18 -18.64
C GLU B 5 2.70 -36.29 -19.64
N ASP B 6 2.70 -36.65 -20.94
CA ASP B 6 3.12 -35.77 -22.06
C ASP B 6 1.95 -34.85 -22.44
N ALA B 7 1.11 -34.46 -21.47
CA ALA B 7 0.16 -33.34 -21.59
C ALA B 7 0.94 -32.03 -21.62
N PHE B 8 2.04 -31.97 -20.84
CA PHE B 8 3.01 -30.86 -20.74
C PHE B 8 3.74 -30.70 -22.07
N SER B 9 4.02 -31.81 -22.76
CA SER B 9 4.64 -31.83 -24.11
C SER B 9 3.68 -31.23 -25.15
N LYS B 10 2.37 -31.40 -24.96
CA LYS B 10 1.35 -30.84 -25.89
C LYS B 10 1.23 -29.31 -25.69
N LEU B 11 1.58 -28.80 -24.49
CA LEU B 11 1.54 -27.35 -24.14
C LEU B 11 2.80 -26.66 -24.63
N LYS B 12 3.93 -27.34 -24.48
CA LYS B 12 5.26 -26.87 -24.97
C LYS B 12 5.15 -26.69 -26.49
N GLU B 13 4.45 -27.59 -27.19
CA GLU B 13 4.22 -27.53 -28.65
C GLU B 13 3.34 -26.32 -28.97
N LYS B 14 2.22 -26.13 -28.27
CA LYS B 14 1.30 -24.95 -28.42
C LYS B 14 2.08 -23.66 -28.09
N PHE B 15 3.01 -23.70 -27.14
CA PHE B 15 3.81 -22.52 -26.75
C PHE B 15 4.72 -22.17 -27.91
N MET B 16 5.39 -23.17 -28.50
CA MET B 16 6.31 -22.97 -29.66
C MET B 16 5.51 -22.35 -30.85
N ASN B 17 4.28 -22.84 -31.12
CA ASN B 17 3.33 -22.23 -32.10
C ASN B 17 3.10 -20.74 -31.77
N GLU B 18 3.09 -20.36 -30.49
CA GLU B 18 2.60 -19.04 -30.03
C GLU B 18 3.64 -17.93 -30.27
N LEU B 19 4.95 -18.22 -30.14
CA LEU B 19 6.05 -17.20 -30.15
C LEU B 19 6.84 -17.19 -31.48
N HIS B 20 6.43 -17.98 -32.48
CA HIS B 20 7.08 -18.09 -33.82
C HIS B 20 8.57 -18.40 -33.66
#